data_4KBO
#
_entry.id   4KBO
#
_cell.length_a   51.197
_cell.length_b   67.812
_cell.length_c   120.769
_cell.angle_alpha   90.00
_cell.angle_beta   90.00
_cell.angle_gamma   90.00
#
_symmetry.space_group_name_H-M   'P 21 21 21'
#
loop_
_entity.id
_entity.type
_entity.pdbx_description
1 polymer 'Stress-70 protein, mitochondrial'
2 non-polymer 'SODIUM ION'
3 water water
#
_entity_poly.entity_id   1
_entity_poly.type   'polypeptide(L)'
_entity_poly.pdbx_seq_one_letter_code
;GAMGSKGAVVGIDLGTTNSCVAVMEGKQAKVLENAEGARTTPSVVAFTADGERLVGMPAKRQAVTNPNNTFYATKRLIGR
RYDDPEVQKDIKNVPFKIVRASNGDAWVEAHGKLYSPSQIGAFVLMKMKETAENYLGHTAKNAVITVPAYFNDSQRQATK
DAGQISGLNVLRVINEPTAAALAYGLDKSEDKVIAVYDLGGGTFDISILEIQKGVFEVKSTNGDTFLGGEDFDQALLRHI
VKEFKRETGVDLTKDNMALQRVREAAEKAKCELSSSVQTDINLPYLTMDSSGPKHLNMKLTRAQFEGIVTDLIRRTIAPC
QKAMQDAEVSKSDIGEVILVGGMTRMPKVQQTVQDLFGRAPSKAVNPDEAVAIGAAIQGGVLAGD
;
_entity_poly.pdbx_strand_id   A
#
# COMPACT_ATOMS: atom_id res chain seq x y z
N ALA A 8 25.86 3.96 6.99
CA ALA A 8 24.59 3.29 7.20
C ALA A 8 23.68 3.48 6.00
N VAL A 9 23.02 2.41 5.59
CA VAL A 9 22.22 2.42 4.39
C VAL A 9 20.75 2.26 4.67
N VAL A 10 19.98 3.22 4.18
CA VAL A 10 18.54 3.27 4.41
C VAL A 10 17.77 2.33 3.51
N GLY A 11 16.78 1.65 4.07
CA GLY A 11 15.92 0.81 3.26
C GLY A 11 14.52 1.37 3.22
N ILE A 12 14.02 1.63 2.02
CA ILE A 12 12.73 2.28 1.85
C ILE A 12 11.72 1.45 1.08
N ASP A 13 10.56 1.23 1.68
CA ASP A 13 9.41 0.66 0.98
C ASP A 13 8.55 1.76 0.43
N LEU A 14 8.75 2.09 -0.84
CA LEU A 14 7.95 3.12 -1.50
C LEU A 14 6.67 2.49 -2.04
N GLY A 15 5.62 2.54 -1.24
CA GLY A 15 4.40 1.83 -1.55
C GLY A 15 3.36 2.58 -2.36
N THR A 16 2.45 1.82 -2.94
CA THR A 16 1.39 2.37 -3.73
C THR A 16 0.56 3.32 -2.89
N THR A 17 0.33 2.93 -1.65
CA THR A 17 -0.58 3.64 -0.77
C THR A 17 0.13 4.12 0.48
N ASN A 18 1.05 3.31 0.98
CA ASN A 18 1.78 3.65 2.17
C ASN A 18 3.25 3.34 2.04
N SER A 19 4.09 4.18 2.64
CA SER A 19 5.52 3.98 2.60
C SER A 19 6.04 3.76 4.01
N CYS A 20 7.22 3.15 4.11
CA CYS A 20 7.84 2.89 5.40
C CYS A 20 9.36 2.93 5.22
N VAL A 21 10.08 3.32 6.25
CA VAL A 21 11.53 3.37 6.14
C VAL A 21 12.14 2.72 7.36
N ALA A 22 13.15 1.89 7.13
CA ALA A 22 13.83 1.22 8.23
C ALA A 22 15.30 1.25 7.97
N VAL A 23 16.07 1.10 9.03
CA VAL A 23 17.51 1.07 8.94
C VAL A 23 18.04 0.04 9.90
N MET A 24 19.23 -0.46 9.63
CA MET A 24 19.80 -1.52 10.44
C MET A 24 20.49 -0.91 11.63
N GLU A 25 20.02 -1.26 12.81
CA GLU A 25 20.66 -0.84 14.04
C GLU A 25 21.18 -2.07 14.75
N GLY A 26 22.45 -2.39 14.53
CA GLY A 26 23.03 -3.57 15.14
C GLY A 26 22.74 -4.82 14.35
N LYS A 27 22.11 -5.78 15.00
CA LYS A 27 21.80 -7.05 14.37
C LYS A 27 20.33 -7.10 14.02
N GLN A 28 19.63 -6.00 14.26
CA GLN A 28 18.20 -5.94 14.02
C GLN A 28 17.86 -4.68 13.23
N ALA A 29 16.84 -4.76 12.41
CA ALA A 29 16.40 -3.60 11.66
C ALA A 29 15.47 -2.76 12.51
N LYS A 30 15.68 -1.44 12.54
CA LYS A 30 14.80 -0.55 13.27
C LYS A 30 13.94 0.30 12.35
N VAL A 31 12.62 0.11 12.43
CA VAL A 31 11.69 0.90 11.64
C VAL A 31 11.58 2.28 12.24
N LEU A 32 11.61 3.30 11.38
CA LEU A 32 11.67 4.66 11.86
C LEU A 32 10.33 5.37 11.76
N GLU A 33 10.00 6.14 12.78
CA GLU A 33 8.71 6.81 12.80
C GLU A 33 8.79 8.30 12.53
N ASN A 34 7.84 8.80 11.77
CA ASN A 34 7.87 10.20 11.38
C ASN A 34 7.57 11.16 12.51
N ALA A 35 7.70 12.44 12.22
CA ALA A 35 7.45 13.48 13.18
C ALA A 35 6.05 13.41 13.76
N GLU A 36 5.20 12.56 13.20
CA GLU A 36 3.86 12.41 13.74
C GLU A 36 3.79 11.14 14.57
N GLY A 37 4.93 10.48 14.75
CA GLY A 37 5.01 9.31 15.60
C GLY A 37 4.51 8.07 14.92
N ALA A 38 4.21 8.18 13.64
CA ALA A 38 3.76 7.05 12.87
C ALA A 38 4.92 6.38 12.18
N ARG A 39 4.85 5.06 12.13
CA ARG A 39 5.91 4.25 11.56
C ARG A 39 5.69 4.11 10.06
N THR A 40 4.54 4.59 9.59
CA THR A 40 4.23 4.55 8.19
C THR A 40 3.74 5.90 7.72
N THR A 41 3.88 6.15 6.44
CA THR A 41 3.54 7.43 5.85
C THR A 41 2.77 7.18 4.59
N PRO A 42 1.61 7.83 4.44
CA PRO A 42 0.83 7.72 3.22
C PRO A 42 1.62 8.18 2.02
N SER A 43 1.57 7.41 0.93
CA SER A 43 2.17 7.82 -0.31
C SER A 43 1.19 8.72 -1.04
N VAL A 44 0.87 9.84 -0.42
CA VAL A 44 -0.08 10.78 -1.00
C VAL A 44 0.54 12.16 -1.06
N VAL A 45 0.38 12.83 -2.19
CA VAL A 45 0.89 14.18 -2.37
C VAL A 45 -0.18 15.05 -2.99
N ALA A 46 -0.39 16.23 -2.41
CA ALA A 46 -1.46 17.10 -2.87
C ALA A 46 -1.05 18.56 -2.88
N PHE A 47 -1.72 19.34 -3.72
CA PHE A 47 -1.46 20.76 -3.80
C PHE A 47 -2.74 21.55 -3.51
N THR A 48 -2.73 22.29 -2.41
CA THR A 48 -3.90 23.06 -1.98
C THR A 48 -4.17 24.10 -3.03
N ALA A 49 -5.34 24.71 -2.97
CA ALA A 49 -5.73 25.68 -3.97
C ALA A 49 -4.71 26.81 -4.13
N ASP A 50 -4.14 27.25 -3.02
CA ASP A 50 -3.21 28.37 -3.02
C ASP A 50 -1.95 28.00 -3.74
N GLY A 51 -1.56 26.74 -3.60
CA GLY A 51 -0.38 26.24 -4.26
C GLY A 51 0.57 25.61 -3.28
N GLU A 52 0.17 25.58 -2.02
CA GLU A 52 0.98 24.92 -1.02
C GLU A 52 1.00 23.43 -1.32
N ARG A 53 2.08 22.77 -0.93
CA ARG A 53 2.19 21.35 -1.17
C ARG A 53 2.12 20.58 0.14
N LEU A 54 1.39 19.48 0.11
CA LEU A 54 1.17 18.66 1.29
C LEU A 54 1.64 17.24 0.98
N VAL A 55 2.16 16.54 1.97
CA VAL A 55 2.68 15.20 1.76
C VAL A 55 2.33 14.33 2.96
N GLY A 56 1.86 13.13 2.68
CA GLY A 56 1.55 12.19 3.74
C GLY A 56 0.18 12.38 4.35
N MET A 57 0.14 12.43 5.68
CA MET A 57 -1.13 12.45 6.39
C MET A 57 -1.92 13.71 6.10
N PRO A 58 -1.23 14.85 6.06
CA PRO A 58 -1.83 16.13 5.71
C PRO A 58 -2.60 16.05 4.42
N ALA A 59 -2.01 15.43 3.42
CA ALA A 59 -2.64 15.29 2.13
C ALA A 59 -3.76 14.30 2.23
N LYS A 60 -3.57 13.29 3.07
CA LYS A 60 -4.55 12.24 3.21
C LYS A 60 -5.84 12.77 3.79
N ARG A 61 -5.72 13.69 4.75
CA ARG A 61 -6.88 14.26 5.41
C ARG A 61 -7.54 15.35 4.59
N GLN A 62 -7.31 15.33 3.29
CA GLN A 62 -7.86 16.35 2.41
C GLN A 62 -8.19 15.70 1.11
N ALA A 63 -7.87 14.42 1.05
CA ALA A 63 -8.03 13.64 -0.15
C ALA A 63 -9.46 13.66 -0.67
N VAL A 64 -10.43 13.67 0.23
CA VAL A 64 -11.80 13.58 -0.22
C VAL A 64 -12.41 14.92 -0.53
N THR A 65 -11.94 15.96 0.14
CA THR A 65 -12.43 17.31 -0.10
C THR A 65 -11.68 17.95 -1.25
N ASN A 66 -10.49 17.45 -1.51
CA ASN A 66 -9.69 17.98 -2.61
C ASN A 66 -9.21 16.90 -3.54
N PRO A 67 -10.16 16.23 -4.19
CA PRO A 67 -9.90 15.08 -5.06
C PRO A 67 -9.13 15.41 -6.33
N ASN A 68 -9.44 16.52 -6.97
CA ASN A 68 -8.84 16.84 -8.25
C ASN A 68 -7.37 17.17 -8.20
N ASN A 69 -6.89 17.49 -7.01
CA ASN A 69 -5.51 17.92 -6.81
C ASN A 69 -4.73 17.05 -5.85
N THR A 70 -5.26 15.87 -5.57
CA THR A 70 -4.59 14.98 -4.65
C THR A 70 -4.11 13.79 -5.45
N PHE A 71 -2.83 13.49 -5.34
CA PHE A 71 -2.25 12.39 -6.09
C PHE A 71 -2.02 11.18 -5.20
N TYR A 72 -2.61 10.05 -5.60
CA TYR A 72 -2.47 8.81 -4.87
C TYR A 72 -2.33 7.65 -5.84
N ALA A 73 -1.73 6.56 -5.40
CA ALA A 73 -1.55 5.41 -6.24
C ALA A 73 -0.79 5.76 -7.50
N THR A 74 0.11 6.72 -7.38
CA THR A 74 0.95 7.14 -8.48
C THR A 74 1.84 6.00 -8.95
N LYS A 75 2.27 5.19 -8.00
CA LYS A 75 3.09 4.03 -8.29
C LYS A 75 2.49 3.18 -9.39
N ARG A 76 1.23 3.41 -9.72
CA ARG A 76 0.59 2.69 -10.82
C ARG A 76 0.98 3.29 -12.15
N LEU A 77 1.63 4.44 -12.11
CA LEU A 77 1.89 5.20 -13.32
C LEU A 77 3.37 5.37 -13.57
N ILE A 78 4.16 5.05 -12.56
CA ILE A 78 5.60 5.27 -12.63
C ILE A 78 6.21 4.34 -13.65
N GLY A 79 7.08 4.88 -14.49
CA GLY A 79 7.78 4.07 -15.46
C GLY A 79 6.87 3.60 -16.57
N ARG A 80 5.66 4.13 -16.60
CA ARG A 80 4.70 3.68 -17.59
C ARG A 80 4.45 4.67 -18.71
N ARG A 81 4.17 4.11 -19.89
CA ARG A 81 3.79 4.90 -21.05
C ARG A 81 2.32 5.26 -20.92
N TYR A 82 1.89 6.31 -21.57
CA TYR A 82 0.53 6.81 -21.41
C TYR A 82 -0.51 5.85 -21.97
N ASP A 83 -0.24 5.31 -23.15
CA ASP A 83 -1.16 4.41 -23.81
C ASP A 83 -1.10 2.98 -23.24
N ASP A 84 -0.39 2.79 -22.14
CA ASP A 84 -0.36 1.49 -21.47
C ASP A 84 -1.75 1.23 -20.91
N PRO A 85 -2.28 0.03 -21.16
CA PRO A 85 -3.63 -0.35 -20.73
C PRO A 85 -3.80 -0.14 -19.25
N GLU A 86 -2.70 -0.26 -18.52
CA GLU A 86 -2.74 -0.09 -17.08
C GLU A 86 -2.90 1.34 -16.67
N VAL A 87 -2.64 2.24 -17.61
CA VAL A 87 -2.75 3.66 -17.34
C VAL A 87 -4.09 4.17 -17.78
N GLN A 88 -4.57 3.63 -18.89
CA GLN A 88 -5.88 4.00 -19.40
C GLN A 88 -6.96 3.43 -18.50
N LYS A 89 -6.59 2.42 -17.73
CA LYS A 89 -7.50 1.82 -16.78
C LYS A 89 -7.53 2.64 -15.51
N ASP A 90 -6.36 3.06 -15.07
CA ASP A 90 -6.23 3.86 -13.87
C ASP A 90 -6.97 5.17 -14.00
N ILE A 91 -6.88 5.79 -15.16
CA ILE A 91 -7.63 7.00 -15.42
C ILE A 91 -9.10 6.82 -15.11
N LYS A 92 -9.63 5.63 -15.29
CA LYS A 92 -11.05 5.42 -15.07
C LYS A 92 -11.38 5.33 -13.60
N ASN A 93 -10.37 5.07 -12.78
CA ASN A 93 -10.60 4.81 -11.37
C ASN A 93 -10.11 5.89 -10.42
N VAL A 94 -9.50 6.93 -10.99
CA VAL A 94 -8.99 8.03 -10.19
C VAL A 94 -9.56 9.31 -10.70
N PRO A 95 -9.85 10.24 -9.78
CA PRO A 95 -10.46 11.52 -10.14
C PRO A 95 -9.47 12.53 -10.69
N PHE A 96 -8.21 12.46 -10.25
CA PHE A 96 -7.23 13.46 -10.71
C PHE A 96 -6.81 13.23 -12.16
N LYS A 97 -6.21 14.26 -12.75
CA LYS A 97 -5.98 14.25 -14.19
C LYS A 97 -4.65 13.61 -14.57
N ILE A 98 -4.72 12.73 -15.56
CA ILE A 98 -3.54 12.09 -16.09
C ILE A 98 -3.37 12.54 -17.53
N VAL A 99 -2.18 13.03 -17.86
CA VAL A 99 -1.90 13.54 -19.18
C VAL A 99 -0.60 12.98 -19.70
N ARG A 100 -0.49 12.87 -21.02
CA ARG A 100 0.72 12.31 -21.62
C ARG A 100 1.79 13.35 -21.84
N ALA A 101 2.97 13.11 -21.27
CA ALA A 101 4.07 14.04 -21.39
C ALA A 101 4.56 14.17 -22.83
N SER A 102 5.66 14.89 -22.99
CA SER A 102 6.30 15.00 -24.28
C SER A 102 6.99 13.70 -24.67
N ASN A 103 7.31 12.88 -23.68
CA ASN A 103 7.84 11.55 -23.92
C ASN A 103 6.77 10.64 -24.48
N GLY A 104 5.57 10.76 -23.94
CA GLY A 104 4.50 9.81 -24.18
C GLY A 104 4.33 9.05 -22.90
N ASP A 105 5.14 9.42 -21.92
CA ASP A 105 5.06 8.85 -20.60
C ASP A 105 3.84 9.37 -19.87
N ALA A 106 3.37 8.61 -18.91
CA ALA A 106 2.15 8.93 -18.19
C ALA A 106 2.45 9.96 -17.13
N TRP A 107 1.85 11.15 -17.22
CA TRP A 107 2.11 12.17 -16.22
C TRP A 107 0.85 12.63 -15.48
N VAL A 108 1.02 13.53 -14.51
CA VAL A 108 -0.10 14.00 -13.73
C VAL A 108 -0.14 15.51 -13.71
N GLU A 109 -1.33 16.08 -13.70
CA GLU A 109 -1.50 17.53 -13.78
C GLU A 109 -2.41 18.06 -12.69
N ALA A 110 -2.02 19.21 -12.14
CA ALA A 110 -2.77 19.85 -11.08
C ALA A 110 -2.52 21.34 -11.12
N HIS A 111 -3.57 22.12 -11.33
CA HIS A 111 -3.43 23.57 -11.36
C HIS A 111 -2.50 24.04 -12.45
N GLY A 112 -2.51 23.37 -13.58
CA GLY A 112 -1.68 23.78 -14.71
C GLY A 112 -0.25 23.31 -14.63
N LYS A 113 0.20 22.99 -13.43
CA LYS A 113 1.52 22.42 -13.25
C LYS A 113 1.44 20.91 -13.38
N LEU A 114 2.33 20.32 -14.15
CA LEU A 114 2.34 18.88 -14.31
C LEU A 114 3.61 18.26 -13.77
N TYR A 115 3.48 17.06 -13.25
CA TYR A 115 4.58 16.37 -12.60
C TYR A 115 4.72 14.98 -13.16
N SER A 116 5.91 14.41 -13.06
CA SER A 116 6.12 13.03 -13.45
C SER A 116 6.02 12.17 -12.22
N PRO A 117 5.58 10.92 -12.40
CA PRO A 117 5.38 9.97 -11.33
C PRO A 117 6.60 9.87 -10.44
N SER A 118 7.78 10.04 -11.02
CA SER A 118 9.01 10.00 -10.27
C SER A 118 9.15 11.21 -9.38
N GLN A 119 8.61 12.34 -9.81
CA GLN A 119 8.61 13.53 -8.98
C GLN A 119 7.73 13.34 -7.76
N ILE A 120 6.54 12.79 -7.96
CA ILE A 120 5.66 12.56 -6.84
C ILE A 120 6.28 11.56 -5.89
N GLY A 121 6.82 10.48 -6.43
CA GLY A 121 7.49 9.52 -5.59
C GLY A 121 8.58 10.21 -4.81
N ALA A 122 9.23 11.17 -5.45
CA ALA A 122 10.31 11.90 -4.81
C ALA A 122 9.82 12.71 -3.62
N PHE A 123 8.61 13.22 -3.73
CA PHE A 123 8.00 13.95 -2.64
C PHE A 123 7.76 13.03 -1.46
N VAL A 124 7.40 11.79 -1.74
CA VAL A 124 7.20 10.82 -0.68
C VAL A 124 8.53 10.38 -0.09
N LEU A 125 9.49 10.12 -0.95
CA LEU A 125 10.82 9.69 -0.53
C LEU A 125 11.55 10.76 0.23
N MET A 126 11.24 12.01 -0.06
CA MET A 126 11.87 13.13 0.63
C MET A 126 11.53 13.13 2.10
N LYS A 127 10.29 12.79 2.43
CA LYS A 127 9.85 12.78 3.82
C LYS A 127 10.43 11.59 4.56
N MET A 128 10.59 10.49 3.84
CA MET A 128 11.23 9.32 4.38
C MET A 128 12.66 9.62 4.70
N LYS A 129 13.30 10.31 3.78
CA LYS A 129 14.68 10.73 3.95
C LYS A 129 14.78 11.60 5.17
N GLU A 130 13.87 12.56 5.29
CA GLU A 130 13.82 13.43 6.45
C GLU A 130 13.65 12.63 7.71
N THR A 131 12.74 11.65 7.65
CA THR A 131 12.38 10.84 8.79
C THR A 131 13.56 10.01 9.26
N ALA A 132 14.32 9.50 8.30
CA ALA A 132 15.45 8.64 8.59
C ALA A 132 16.62 9.43 9.13
N GLU A 133 16.76 10.67 8.70
CA GLU A 133 17.88 11.52 9.05
C GLU A 133 17.76 12.00 10.48
N ASN A 134 16.56 12.30 10.92
CA ASN A 134 16.34 12.61 12.31
C ASN A 134 16.98 11.55 13.18
N TYR A 135 16.81 10.29 12.81
CA TYR A 135 17.36 9.18 13.57
C TYR A 135 18.86 9.11 13.48
N LEU A 136 19.36 9.24 12.26
CA LEU A 136 20.78 9.07 11.97
C LEU A 136 21.56 10.28 12.44
N GLY A 137 20.94 11.44 12.40
CA GLY A 137 21.59 12.67 12.79
C GLY A 137 22.26 13.32 11.60
N HIS A 138 23.09 12.56 10.92
CA HIS A 138 23.67 13.01 9.67
C HIS A 138 22.68 12.84 8.52
N THR A 139 23.10 13.17 7.33
CA THR A 139 22.25 13.06 6.15
C THR A 139 22.35 11.68 5.56
N ALA A 140 21.25 11.19 5.01
CA ALA A 140 21.25 9.88 4.36
C ALA A 140 21.59 10.03 2.90
N LYS A 141 22.50 9.19 2.42
CA LYS A 141 22.94 9.25 1.04
C LYS A 141 22.59 7.98 0.29
N ASN A 142 22.65 6.86 1.00
CA ASN A 142 22.53 5.57 0.34
C ASN A 142 21.26 4.86 0.74
N ALA A 143 20.55 4.33 -0.24
CA ALA A 143 19.27 3.70 0.01
C ALA A 143 19.09 2.44 -0.80
N VAL A 144 18.27 1.54 -0.28
CA VAL A 144 17.76 0.43 -1.05
C VAL A 144 16.25 0.56 -1.11
N ILE A 145 15.72 0.67 -2.31
CA ILE A 145 14.30 0.85 -2.47
C ILE A 145 13.68 -0.39 -3.09
N THR A 146 12.42 -0.65 -2.77
CA THR A 146 11.78 -1.89 -3.17
C THR A 146 10.78 -1.69 -4.29
N VAL A 147 10.65 -2.70 -5.12
CA VAL A 147 9.74 -2.65 -6.23
C VAL A 147 9.06 -3.99 -6.39
N PRO A 148 7.85 -3.98 -6.95
CA PRO A 148 7.14 -5.22 -7.23
C PRO A 148 7.89 -6.09 -8.22
N ALA A 149 7.86 -7.38 -8.00
CA ALA A 149 8.46 -8.33 -8.91
C ALA A 149 8.04 -8.10 -10.35
N TYR A 150 6.84 -7.58 -10.55
CA TYR A 150 6.28 -7.44 -11.89
C TYR A 150 6.72 -6.17 -12.58
N PHE A 151 7.62 -5.43 -11.93
CA PHE A 151 8.12 -4.18 -12.46
C PHE A 151 9.14 -4.44 -13.55
N ASN A 152 9.13 -3.59 -14.57
CA ASN A 152 10.12 -3.68 -15.63
C ASN A 152 11.26 -2.69 -15.44
N ASP A 153 12.16 -2.64 -16.42
CA ASP A 153 13.29 -1.72 -16.35
C ASP A 153 12.83 -0.29 -16.29
N SER A 154 11.94 0.06 -17.21
CA SER A 154 11.37 1.39 -17.27
C SER A 154 10.79 1.81 -15.92
N GLN A 155 10.18 0.85 -15.23
CA GLN A 155 9.61 1.13 -13.92
C GLN A 155 10.66 1.16 -12.83
N ARG A 156 11.71 0.38 -12.99
CA ARG A 156 12.75 0.31 -11.98
C ARG A 156 13.69 1.49 -12.08
N GLN A 157 13.95 1.94 -13.29
CA GLN A 157 14.74 3.14 -13.48
C GLN A 157 14.01 4.35 -12.93
N ALA A 158 12.72 4.43 -13.22
CA ALA A 158 11.94 5.57 -12.79
C ALA A 158 11.83 5.62 -11.28
N THR A 159 11.93 4.46 -10.64
CA THR A 159 11.92 4.40 -9.20
C THR A 159 13.31 4.80 -8.71
N LYS A 160 14.33 4.32 -9.41
CA LYS A 160 15.69 4.68 -9.10
C LYS A 160 15.91 6.16 -9.30
N ASP A 161 15.26 6.73 -10.29
CA ASP A 161 15.41 8.16 -10.56
C ASP A 161 14.73 8.99 -9.50
N ALA A 162 13.58 8.53 -9.04
CA ALA A 162 12.86 9.19 -7.97
C ALA A 162 13.71 9.32 -6.72
N GLY A 163 14.53 8.32 -6.44
CA GLY A 163 15.38 8.36 -5.28
C GLY A 163 16.45 9.44 -5.39
N GLN A 164 16.94 9.64 -6.60
CA GLN A 164 18.02 10.59 -6.83
C GLN A 164 17.52 12.01 -6.65
N ILE A 165 16.33 12.28 -7.16
CA ILE A 165 15.71 13.59 -7.01
C ILE A 165 15.67 14.01 -5.56
N SER A 166 15.41 13.05 -4.68
CA SER A 166 15.29 13.32 -3.26
C SER A 166 16.66 13.37 -2.65
N GLY A 167 17.66 13.01 -3.43
CA GLY A 167 19.04 13.09 -2.99
C GLY A 167 19.58 11.78 -2.45
N LEU A 168 19.00 10.68 -2.89
CA LEU A 168 19.44 9.38 -2.44
C LEU A 168 20.16 8.63 -3.55
N ASN A 169 21.24 7.95 -3.22
CA ASN A 169 21.90 7.08 -4.16
C ASN A 169 21.36 5.68 -3.98
N VAL A 170 20.54 5.24 -4.91
CA VAL A 170 19.88 3.96 -4.78
C VAL A 170 20.83 2.88 -5.20
N LEU A 171 21.44 2.23 -4.22
CA LEU A 171 22.45 1.24 -4.49
C LEU A 171 21.87 0.02 -5.16
N ARG A 172 20.66 -0.35 -4.77
CA ARG A 172 20.04 -1.54 -5.33
C ARG A 172 18.55 -1.47 -5.27
N VAL A 173 17.91 -2.16 -6.19
CA VAL A 173 16.47 -2.29 -6.17
C VAL A 173 16.09 -3.75 -6.10
N ILE A 174 15.52 -4.15 -4.98
CA ILE A 174 15.15 -5.53 -4.77
C ILE A 174 13.65 -5.68 -4.76
N ASN A 175 13.19 -6.87 -5.08
CA ASN A 175 11.78 -7.17 -5.14
C ASN A 175 11.16 -7.22 -3.75
N GLU A 176 9.94 -6.70 -3.65
CA GLU A 176 9.23 -6.62 -2.39
C GLU A 176 9.05 -8.00 -1.78
N PRO A 177 8.53 -8.93 -2.57
CA PRO A 177 8.31 -10.27 -2.05
C PRO A 177 9.59 -10.85 -1.53
N THR A 178 10.71 -10.54 -2.15
CA THR A 178 11.99 -11.03 -1.73
C THR A 178 12.41 -10.33 -0.44
N ALA A 179 12.12 -9.04 -0.37
CA ALA A 179 12.44 -8.23 0.80
C ALA A 179 11.75 -8.75 2.04
N ALA A 180 10.46 -9.05 1.92
CA ALA A 180 9.68 -9.59 3.01
C ALA A 180 10.24 -10.93 3.47
N ALA A 181 10.69 -11.75 2.53
CA ALA A 181 11.27 -13.03 2.83
C ALA A 181 12.52 -12.87 3.67
N LEU A 182 13.23 -11.78 3.45
CA LEU A 182 14.41 -11.48 4.25
C LEU A 182 13.99 -11.16 5.67
N ALA A 183 12.89 -10.44 5.79
CA ALA A 183 12.38 -10.06 7.09
C ALA A 183 12.01 -11.27 7.92
N TYR A 184 11.75 -12.38 7.24
CA TYR A 184 11.34 -13.61 7.92
C TYR A 184 12.49 -14.58 8.10
N GLY A 185 13.69 -14.17 7.73
CA GLY A 185 14.89 -14.96 8.01
C GLY A 185 15.17 -16.08 7.03
N LEU A 186 14.45 -16.07 5.92
CA LEU A 186 14.57 -17.14 4.94
C LEU A 186 15.80 -17.00 4.07
N ASP A 187 16.71 -16.14 4.47
CA ASP A 187 17.89 -15.83 3.68
C ASP A 187 18.79 -17.04 3.44
N LYS A 188 18.86 -17.92 4.42
CA LYS A 188 19.81 -19.02 4.39
C LYS A 188 19.12 -20.36 4.22
N SER A 189 17.98 -20.34 3.57
CA SER A 189 17.23 -21.56 3.38
C SER A 189 17.90 -22.43 2.33
N GLU A 190 18.05 -23.72 2.59
CA GLU A 190 18.68 -24.61 1.65
C GLU A 190 17.78 -24.86 0.45
N ASP A 191 16.56 -25.28 0.71
CA ASP A 191 15.59 -25.43 -0.35
C ASP A 191 14.21 -25.32 0.25
N LYS A 192 13.40 -24.46 -0.32
CA LYS A 192 12.13 -24.10 0.27
C LYS A 192 11.38 -23.25 -0.71
N VAL A 193 10.10 -23.54 -0.86
CA VAL A 193 9.26 -22.73 -1.71
C VAL A 193 8.36 -21.91 -0.84
N ILE A 194 8.30 -20.62 -1.15
CA ILE A 194 7.59 -19.66 -0.34
C ILE A 194 6.55 -18.99 -1.19
N ALA A 195 5.37 -18.82 -0.64
CA ALA A 195 4.33 -18.04 -1.30
C ALA A 195 4.15 -16.76 -0.52
N VAL A 196 4.12 -15.65 -1.22
CA VAL A 196 3.96 -14.36 -0.58
C VAL A 196 2.63 -13.72 -0.95
N TYR A 197 1.78 -13.56 0.05
CA TYR A 197 0.45 -13.00 -0.13
C TYR A 197 0.42 -11.55 0.31
N ASP A 198 0.53 -10.63 -0.63
CA ASP A 198 0.58 -9.22 -0.28
C ASP A 198 -0.66 -8.49 -0.71
N LEU A 199 -1.42 -8.06 0.30
CA LEU A 199 -2.66 -7.33 0.10
C LEU A 199 -2.50 -5.98 0.76
N GLY A 200 -2.18 -4.98 -0.04
CA GLY A 200 -1.87 -3.67 0.47
C GLY A 200 -3.05 -2.72 0.41
N GLY A 201 -2.78 -1.44 0.57
CA GLY A 201 -3.82 -0.45 0.51
C GLY A 201 -4.38 -0.33 -0.88
N GLY A 202 -3.56 -0.62 -1.88
CA GLY A 202 -3.96 -0.33 -3.24
C GLY A 202 -3.86 -1.44 -4.24
N THR A 203 -2.95 -2.36 -4.00
CA THR A 203 -2.73 -3.46 -4.92
C THR A 203 -2.69 -4.78 -4.19
N PHE A 204 -3.01 -5.84 -4.89
CA PHE A 204 -2.84 -7.18 -4.34
C PHE A 204 -1.82 -7.95 -5.14
N ASP A 205 -0.90 -8.60 -4.46
CA ASP A 205 0.13 -9.36 -5.13
C ASP A 205 0.24 -10.76 -4.58
N ILE A 206 0.34 -11.74 -5.46
CA ILE A 206 0.71 -13.07 -5.05
C ILE A 206 1.94 -13.49 -5.81
N SER A 207 2.96 -13.88 -5.08
CA SER A 207 4.21 -14.21 -5.69
C SER A 207 4.73 -15.49 -5.09
N ILE A 208 5.14 -16.40 -5.95
CA ILE A 208 5.67 -17.68 -5.48
C ILE A 208 7.18 -17.74 -5.63
N LEU A 209 7.86 -17.88 -4.50
CA LEU A 209 9.31 -17.80 -4.50
C LEU A 209 9.94 -19.14 -4.16
N GLU A 210 11.10 -19.40 -4.75
CA GLU A 210 11.91 -20.55 -4.38
C GLU A 210 13.29 -20.07 -3.97
N ILE A 211 13.82 -20.64 -2.88
CA ILE A 211 15.15 -20.28 -2.42
C ILE A 211 16.01 -21.53 -2.38
N GLN A 212 17.11 -21.52 -3.13
CA GLN A 212 18.03 -22.64 -3.17
C GLN A 212 19.45 -22.20 -2.82
N LYS A 213 19.98 -22.75 -1.74
CA LYS A 213 21.27 -22.36 -1.22
C LYS A 213 21.39 -20.84 -1.06
N GLY A 214 20.26 -20.20 -0.84
CA GLY A 214 20.24 -18.79 -0.53
C GLY A 214 20.03 -17.92 -1.75
N VAL A 215 19.77 -18.54 -2.88
CA VAL A 215 19.51 -17.81 -4.09
C VAL A 215 18.02 -17.75 -4.33
N PHE A 216 17.49 -16.55 -4.48
CA PHE A 216 16.08 -16.36 -4.63
C PHE A 216 15.66 -16.37 -6.10
N GLU A 217 14.58 -17.07 -6.40
CA GLU A 217 14.00 -17.03 -7.75
C GLU A 217 12.51 -16.78 -7.66
N VAL A 218 12.01 -15.91 -8.53
CA VAL A 218 10.59 -15.63 -8.57
C VAL A 218 9.98 -16.49 -9.65
N LYS A 219 9.25 -17.52 -9.25
CA LYS A 219 8.72 -18.48 -10.19
C LYS A 219 7.44 -18.02 -10.84
N SER A 220 6.59 -17.35 -10.08
CA SER A 220 5.32 -16.90 -10.60
C SER A 220 4.83 -15.67 -9.89
N THR A 221 4.06 -14.86 -10.59
CA THR A 221 3.55 -13.64 -10.03
C THR A 221 2.20 -13.37 -10.63
N ASN A 222 1.23 -13.07 -9.76
CA ASN A 222 -0.09 -12.70 -10.20
C ASN A 222 -0.71 -11.74 -9.20
N GLY A 223 -1.92 -11.29 -9.46
CA GLY A 223 -2.55 -10.38 -8.53
C GLY A 223 -3.54 -9.45 -9.18
N ASP A 224 -3.76 -8.31 -8.54
CA ASP A 224 -4.70 -7.32 -9.04
C ASP A 224 -4.24 -5.93 -8.68
N THR A 225 -4.03 -5.12 -9.69
CA THR A 225 -3.55 -3.75 -9.50
C THR A 225 -4.58 -2.83 -8.88
N PHE A 226 -5.84 -3.23 -8.97
CA PHE A 226 -6.93 -2.37 -8.54
C PHE A 226 -7.80 -3.01 -7.47
N LEU A 227 -7.17 -3.78 -6.59
CA LEU A 227 -7.83 -4.38 -5.44
C LEU A 227 -6.95 -4.24 -4.23
N GLY A 228 -7.36 -3.43 -3.28
CA GLY A 228 -6.60 -3.28 -2.05
C GLY A 228 -7.44 -2.84 -0.88
N GLY A 229 -6.77 -2.50 0.22
CA GLY A 229 -7.42 -2.09 1.44
C GLY A 229 -8.34 -0.90 1.30
N GLU A 230 -7.99 0.04 0.43
CA GLU A 230 -8.84 1.21 0.23
C GLU A 230 -10.18 0.81 -0.35
N ASP A 231 -10.20 -0.27 -1.10
CA ASP A 231 -11.42 -0.72 -1.74
C ASP A 231 -12.42 -1.23 -0.70
N PHE A 232 -11.90 -1.77 0.39
CA PHE A 232 -12.73 -2.22 1.49
C PHE A 232 -13.34 -1.03 2.17
N ASP A 233 -12.52 -0.01 2.40
CA ASP A 233 -13.00 1.20 3.04
C ASP A 233 -14.14 1.82 2.27
N GLN A 234 -14.02 1.85 0.95
CA GLN A 234 -15.01 2.49 0.11
C GLN A 234 -16.31 1.71 0.09
N ALA A 235 -16.21 0.40 0.02
CA ALA A 235 -17.37 -0.45 0.05
C ALA A 235 -18.09 -0.28 1.37
N LEU A 236 -17.32 0.01 2.41
CA LEU A 236 -17.90 0.22 3.73
C LEU A 236 -18.51 1.60 3.83
N LEU A 237 -17.93 2.54 3.11
CA LEU A 237 -18.43 3.90 3.06
C LEU A 237 -19.76 3.96 2.35
N ARG A 238 -19.87 3.26 1.23
CA ARG A 238 -21.13 3.19 0.51
C ARG A 238 -22.22 2.60 1.38
N HIS A 239 -21.87 1.56 2.12
CA HIS A 239 -22.82 0.92 2.99
C HIS A 239 -23.27 1.86 4.07
N ILE A 240 -22.34 2.67 4.58
CA ILE A 240 -22.67 3.62 5.63
C ILE A 240 -23.51 4.73 5.07
N VAL A 241 -23.14 5.19 3.89
CA VAL A 241 -23.87 6.27 3.27
C VAL A 241 -25.27 5.82 2.95
N LYS A 242 -25.41 4.61 2.46
CA LYS A 242 -26.71 4.14 2.04
C LYS A 242 -27.61 3.92 3.23
N GLU A 243 -27.02 3.46 4.33
CA GLU A 243 -27.77 3.15 5.53
C GLU A 243 -28.27 4.42 6.19
N PHE A 244 -27.57 5.53 5.93
CA PHE A 244 -27.92 6.81 6.52
C PHE A 244 -29.11 7.42 5.82
N LYS A 245 -29.16 7.26 4.51
CA LYS A 245 -30.25 7.78 3.72
C LYS A 245 -31.54 7.11 4.12
N ARG A 246 -31.47 5.81 4.34
CA ARG A 246 -32.64 5.06 4.77
C ARG A 246 -33.20 5.66 6.05
N GLU A 247 -32.36 5.81 7.07
CA GLU A 247 -32.79 6.14 8.41
C GLU A 247 -33.18 7.62 8.62
N THR A 248 -32.56 8.51 7.85
CA THR A 248 -32.79 9.93 8.03
C THR A 248 -33.28 10.60 6.76
N GLY A 249 -32.96 10.00 5.63
CA GLY A 249 -33.40 10.51 4.35
C GLY A 249 -32.42 11.49 3.78
N VAL A 250 -31.31 11.64 4.47
CA VAL A 250 -30.25 12.52 4.00
C VAL A 250 -29.27 11.72 3.16
N ASP A 251 -28.93 12.27 1.99
CA ASP A 251 -27.94 11.68 1.11
C ASP A 251 -26.67 12.52 1.17
N LEU A 252 -25.55 11.86 1.41
CA LEU A 252 -24.27 12.53 1.68
C LEU A 252 -23.38 12.60 0.45
N THR A 253 -23.66 11.78 -0.54
CA THR A 253 -22.81 11.65 -1.71
C THR A 253 -22.27 12.98 -2.22
N LYS A 254 -23.03 14.05 -2.06
CA LYS A 254 -22.63 15.32 -2.62
C LYS A 254 -21.88 16.20 -1.65
N ASP A 255 -21.77 15.76 -0.40
CA ASP A 255 -21.08 16.54 0.61
C ASP A 255 -19.74 15.88 0.94
N ASN A 256 -18.67 16.45 0.41
CA ASN A 256 -17.35 15.87 0.54
C ASN A 256 -16.82 16.02 1.94
N MET A 257 -17.24 17.09 2.60
CA MET A 257 -16.80 17.35 3.95
C MET A 257 -17.26 16.25 4.88
N ALA A 258 -18.42 15.69 4.62
CA ALA A 258 -18.95 14.60 5.42
C ALA A 258 -18.37 13.28 4.99
N LEU A 259 -18.31 13.07 3.69
CA LEU A 259 -17.66 11.91 3.11
C LEU A 259 -16.22 11.76 3.55
N GLN A 260 -15.54 12.88 3.76
CA GLN A 260 -14.17 12.84 4.25
C GLN A 260 -14.15 12.19 5.62
N ARG A 261 -15.16 12.49 6.43
CA ARG A 261 -15.27 11.95 7.77
C ARG A 261 -15.65 10.48 7.78
N VAL A 262 -16.56 10.12 6.88
CA VAL A 262 -17.01 8.76 6.81
C VAL A 262 -15.85 7.84 6.44
N ARG A 263 -15.07 8.26 5.46
CA ARG A 263 -13.90 7.51 5.04
C ARG A 263 -12.93 7.31 6.17
N GLU A 264 -12.66 8.38 6.89
CA GLU A 264 -11.82 8.31 8.07
C GLU A 264 -12.43 7.36 9.08
N ALA A 265 -13.75 7.33 9.11
CA ALA A 265 -14.47 6.50 10.07
C ALA A 265 -14.51 5.07 9.61
N ALA A 266 -14.70 4.89 8.31
CA ALA A 266 -14.68 3.56 7.75
C ALA A 266 -13.30 2.96 7.88
N GLU A 267 -12.26 3.79 7.80
CA GLU A 267 -10.90 3.29 7.96
C GLU A 267 -10.67 2.84 9.39
N LYS A 268 -11.38 3.46 10.32
CA LYS A 268 -11.20 3.17 11.74
C LYS A 268 -11.96 1.96 12.20
N ALA A 269 -13.14 1.76 11.64
CA ALA A 269 -13.98 0.64 12.02
C ALA A 269 -13.33 -0.67 11.59
N LYS A 270 -12.85 -0.68 10.34
CA LYS A 270 -12.12 -1.81 9.78
C LYS A 270 -11.00 -2.32 10.67
N CYS A 271 -10.21 -1.39 11.20
CA CYS A 271 -9.11 -1.74 12.07
C CYS A 271 -9.62 -2.36 13.35
N GLU A 272 -10.75 -1.86 13.82
CA GLU A 272 -11.32 -2.33 15.07
C GLU A 272 -11.72 -3.79 14.97
N LEU A 273 -12.25 -4.15 13.81
CA LEU A 273 -12.89 -5.45 13.62
C LEU A 273 -11.91 -6.55 13.34
N SER A 274 -10.64 -6.31 13.59
CA SER A 274 -9.66 -7.34 13.40
C SER A 274 -9.21 -7.77 14.76
N SER A 275 -9.80 -7.15 15.78
CA SER A 275 -9.43 -7.39 17.16
C SER A 275 -10.70 -7.45 17.98
N SER A 276 -11.82 -7.24 17.31
CA SER A 276 -13.10 -7.19 17.96
C SER A 276 -14.15 -7.54 16.94
N VAL A 277 -15.34 -7.88 17.41
CA VAL A 277 -16.40 -8.31 16.51
C VAL A 277 -17.42 -7.21 16.34
N GLN A 278 -17.25 -6.14 17.08
CA GLN A 278 -18.16 -5.02 16.99
C GLN A 278 -17.50 -3.69 17.30
N THR A 279 -17.93 -2.67 16.57
CA THR A 279 -17.50 -1.32 16.86
C THR A 279 -18.56 -0.32 16.48
N ASP A 280 -18.44 0.88 17.00
CA ASP A 280 -19.44 1.91 16.80
C ASP A 280 -18.91 2.96 15.85
N ILE A 281 -19.75 3.33 14.88
CA ILE A 281 -19.49 4.46 14.01
C ILE A 281 -20.16 5.67 14.62
N ASN A 282 -19.42 6.52 15.31
CA ASN A 282 -20.01 7.70 15.94
C ASN A 282 -19.53 9.02 15.35
N LEU A 283 -20.39 9.64 14.55
CA LEU A 283 -20.04 10.88 13.87
C LEU A 283 -21.07 11.96 14.15
N PRO A 284 -20.84 12.74 15.21
CA PRO A 284 -21.81 13.77 15.56
C PRO A 284 -21.80 14.95 14.60
N TYR A 285 -22.96 15.57 14.45
CA TYR A 285 -23.16 16.70 13.56
C TYR A 285 -22.58 16.47 12.18
N LEU A 286 -23.07 15.44 11.51
CA LEU A 286 -22.64 15.16 10.16
C LEU A 286 -23.40 16.04 9.20
N THR A 287 -24.62 16.39 9.57
CA THR A 287 -25.42 17.28 8.74
C THR A 287 -26.43 18.07 9.56
N MET A 288 -27.15 18.96 8.88
CA MET A 288 -28.16 19.78 9.53
C MET A 288 -29.42 19.80 8.68
N SER A 291 -34.14 20.24 9.83
CA SER A 291 -34.98 20.19 11.02
C SER A 291 -34.11 20.02 12.24
N GLY A 292 -32.82 20.27 12.09
CA GLY A 292 -31.90 20.14 13.21
C GLY A 292 -30.72 19.27 12.88
N PRO A 293 -29.77 19.20 13.80
CA PRO A 293 -28.59 18.38 13.53
C PRO A 293 -28.97 16.92 13.37
N LYS A 294 -28.18 16.22 12.56
CA LYS A 294 -28.34 14.80 12.40
C LYS A 294 -27.02 14.15 12.73
N HIS A 295 -27.00 13.37 13.81
CA HIS A 295 -25.78 12.70 14.21
C HIS A 295 -25.74 11.32 13.63
N LEU A 296 -24.57 10.90 13.17
CA LEU A 296 -24.43 9.53 12.69
C LEU A 296 -23.96 8.64 13.81
N ASN A 297 -24.85 7.79 14.28
CA ASN A 297 -24.49 6.75 15.22
C ASN A 297 -24.91 5.42 14.62
N MET A 298 -23.96 4.50 14.52
CA MET A 298 -24.12 3.28 13.76
C MET A 298 -23.24 2.19 14.34
N LYS A 299 -23.77 0.98 14.40
CA LYS A 299 -23.05 -0.16 14.94
C LYS A 299 -22.67 -1.07 13.79
N LEU A 300 -21.41 -1.46 13.74
CA LEU A 300 -20.93 -2.37 12.71
C LEU A 300 -20.34 -3.57 13.39
N THR A 301 -20.71 -4.75 12.89
CA THR A 301 -20.20 -5.99 13.41
C THR A 301 -19.29 -6.64 12.38
N ARG A 302 -18.43 -7.54 12.83
CA ARG A 302 -17.49 -8.21 11.96
C ARG A 302 -18.19 -8.98 10.85
N ALA A 303 -19.21 -9.73 11.23
CA ALA A 303 -19.95 -10.58 10.32
C ALA A 303 -20.56 -9.73 9.22
N GLN A 304 -20.97 -8.53 9.57
CA GLN A 304 -21.55 -7.60 8.61
C GLN A 304 -20.47 -7.18 7.63
N PHE A 305 -19.37 -6.69 8.18
CA PHE A 305 -18.27 -6.20 7.37
C PHE A 305 -17.81 -7.26 6.41
N GLU A 306 -17.57 -8.46 6.92
CA GLU A 306 -17.18 -9.58 6.10
C GLU A 306 -18.16 -9.75 4.94
N GLY A 307 -19.43 -9.56 5.22
CA GLY A 307 -20.44 -9.71 4.20
C GLY A 307 -20.36 -8.61 3.18
N ILE A 308 -20.01 -7.43 3.64
CA ILE A 308 -19.97 -6.27 2.76
C ILE A 308 -18.83 -6.36 1.75
N VAL A 309 -17.74 -6.99 2.18
CA VAL A 309 -16.54 -7.06 1.37
C VAL A 309 -16.17 -8.48 1.06
N THR A 310 -17.16 -9.34 0.94
CA THR A 310 -16.91 -10.72 0.61
C THR A 310 -16.31 -10.86 -0.76
N ASP A 311 -16.71 -9.99 -1.68
CA ASP A 311 -16.31 -10.07 -3.08
C ASP A 311 -14.90 -9.55 -3.27
N LEU A 312 -14.51 -8.59 -2.44
CA LEU A 312 -13.15 -8.10 -2.45
C LEU A 312 -12.17 -9.20 -2.09
N ILE A 313 -12.60 -10.10 -1.22
CA ILE A 313 -11.73 -11.15 -0.70
C ILE A 313 -11.63 -12.31 -1.66
N ARG A 314 -12.76 -12.70 -2.25
CA ARG A 314 -12.81 -13.79 -3.22
C ARG A 314 -11.86 -13.51 -4.35
N ARG A 315 -11.84 -12.27 -4.78
CA ARG A 315 -11.04 -11.85 -5.92
C ARG A 315 -9.58 -12.16 -5.73
N THR A 316 -9.21 -12.53 -4.52
CA THR A 316 -7.84 -12.93 -4.22
C THR A 316 -7.63 -14.40 -4.49
N ILE A 317 -8.71 -15.15 -4.40
CA ILE A 317 -8.63 -16.59 -4.47
C ILE A 317 -8.17 -17.10 -5.81
N ALA A 318 -8.55 -16.41 -6.87
CA ALA A 318 -8.31 -16.96 -8.21
C ALA A 318 -6.91 -16.70 -8.72
N PRO A 319 -6.36 -15.52 -8.44
CA PRO A 319 -4.99 -15.17 -8.81
C PRO A 319 -4.00 -16.02 -8.04
N CYS A 320 -4.32 -16.40 -6.81
CA CYS A 320 -3.39 -17.23 -6.08
C CYS A 320 -3.36 -18.64 -6.63
N GLN A 321 -4.49 -19.11 -7.12
CA GLN A 321 -4.55 -20.42 -7.77
C GLN A 321 -3.77 -20.43 -9.06
N LYS A 322 -3.87 -19.35 -9.83
CA LYS A 322 -3.12 -19.24 -11.08
C LYS A 322 -1.64 -19.19 -10.83
N ALA A 323 -1.27 -18.54 -9.74
CA ALA A 323 0.13 -18.37 -9.38
C ALA A 323 0.82 -19.70 -9.18
N MET A 324 0.15 -20.63 -8.52
CA MET A 324 0.70 -21.95 -8.22
C MET A 324 0.73 -22.80 -9.47
N GLN A 325 -0.26 -22.61 -10.33
CA GLN A 325 -0.32 -23.29 -11.59
C GLN A 325 0.89 -22.90 -12.41
N ASP A 326 1.03 -21.60 -12.63
CA ASP A 326 2.13 -21.09 -13.43
C ASP A 326 3.47 -21.43 -12.82
N ALA A 327 3.47 -21.74 -11.53
CA ALA A 327 4.70 -22.09 -10.86
C ALA A 327 4.86 -23.59 -10.74
N GLU A 328 3.88 -24.32 -11.26
CA GLU A 328 3.90 -25.77 -11.21
C GLU A 328 4.12 -26.26 -9.80
N VAL A 329 3.35 -25.73 -8.87
CA VAL A 329 3.48 -26.15 -7.49
C VAL A 329 2.17 -26.65 -6.97
N SER A 330 2.18 -27.08 -5.72
CA SER A 330 1.01 -27.59 -5.05
C SER A 330 1.12 -27.32 -3.55
N LYS A 331 -0.02 -27.05 -2.93
CA LYS A 331 -0.08 -26.70 -1.53
C LYS A 331 0.91 -27.48 -0.70
N SER A 332 1.13 -28.74 -1.05
CA SER A 332 2.06 -29.57 -0.30
C SER A 332 3.47 -29.08 -0.51
N ASP A 333 3.69 -28.50 -1.68
CA ASP A 333 5.03 -28.07 -2.05
C ASP A 333 5.42 -26.81 -1.31
N ILE A 334 4.47 -25.90 -1.13
CA ILE A 334 4.73 -24.66 -0.41
C ILE A 334 5.17 -24.98 1.00
N GLY A 335 6.27 -24.39 1.44
CA GLY A 335 6.79 -24.72 2.75
C GLY A 335 6.42 -23.69 3.78
N GLU A 336 5.97 -22.53 3.31
CA GLU A 336 5.67 -21.43 4.21
C GLU A 336 4.89 -20.38 3.45
N VAL A 337 4.05 -19.66 4.17
CA VAL A 337 3.28 -18.58 3.58
C VAL A 337 3.35 -17.42 4.53
N ILE A 338 3.80 -16.28 4.03
CA ILE A 338 3.94 -15.10 4.84
C ILE A 338 3.02 -14.04 4.33
N LEU A 339 2.50 -13.24 5.25
CA LEU A 339 1.49 -12.26 4.93
C LEU A 339 2.09 -10.87 4.92
N VAL A 340 1.72 -10.08 3.92
CA VAL A 340 2.24 -8.74 3.75
C VAL A 340 1.10 -7.83 3.36
N GLY A 341 1.01 -6.70 4.05
CA GLY A 341 -0.11 -5.79 3.87
C GLY A 341 -0.91 -5.76 5.13
N GLY A 342 -1.42 -4.58 5.48
CA GLY A 342 -2.17 -4.42 6.71
C GLY A 342 -3.53 -5.07 6.63
N MET A 343 -4.01 -5.25 5.41
CA MET A 343 -5.32 -5.85 5.22
C MET A 343 -5.28 -7.35 5.52
N THR A 344 -4.08 -7.89 5.68
CA THR A 344 -3.91 -9.27 6.08
C THR A 344 -4.18 -9.50 7.56
N ARG A 345 -4.53 -8.46 8.30
CA ARG A 345 -4.81 -8.63 9.72
C ARG A 345 -6.21 -9.16 9.91
N MET A 346 -7.03 -8.92 8.88
CA MET A 346 -8.42 -9.33 8.84
C MET A 346 -8.50 -10.84 8.85
N PRO A 347 -9.17 -11.40 9.88
CA PRO A 347 -9.23 -12.83 10.12
C PRO A 347 -9.73 -13.63 8.93
N LYS A 348 -10.74 -13.09 8.24
CA LYS A 348 -11.32 -13.82 7.12
C LYS A 348 -10.34 -13.89 5.97
N VAL A 349 -9.43 -12.93 5.93
CA VAL A 349 -8.36 -12.95 4.95
C VAL A 349 -7.36 -14.01 5.34
N GLN A 350 -7.17 -14.16 6.64
CA GLN A 350 -6.23 -15.13 7.12
C GLN A 350 -6.76 -16.51 6.86
N GLN A 351 -8.07 -16.67 6.92
CA GLN A 351 -8.64 -17.98 6.74
C GLN A 351 -8.69 -18.37 5.29
N THR A 352 -8.96 -17.39 4.43
CA THR A 352 -8.98 -17.61 3.01
C THR A 352 -7.59 -17.93 2.51
N VAL A 353 -6.59 -17.49 3.27
CA VAL A 353 -5.22 -17.70 2.88
C VAL A 353 -4.78 -19.06 3.32
N GLN A 354 -5.35 -19.53 4.41
CA GLN A 354 -5.00 -20.82 4.93
C GLN A 354 -5.57 -21.93 4.09
N ASP A 355 -6.88 -21.90 3.86
CA ASP A 355 -7.47 -22.92 3.02
C ASP A 355 -7.32 -22.54 1.57
N LEU A 356 -6.10 -22.14 1.22
CA LEU A 356 -5.75 -21.83 -0.16
C LEU A 356 -4.43 -22.49 -0.43
N PHE A 357 -3.53 -22.33 0.52
CA PHE A 357 -2.20 -22.91 0.43
C PHE A 357 -2.07 -24.07 1.40
N GLY A 358 -3.13 -24.30 2.18
CA GLY A 358 -3.23 -25.50 2.99
C GLY A 358 -2.41 -25.44 4.25
N ARG A 359 -2.13 -24.24 4.71
CA ARG A 359 -1.36 -24.10 5.94
C ARG A 359 -1.60 -22.77 6.61
N ALA A 360 -1.33 -22.75 7.91
CA ALA A 360 -1.42 -21.53 8.67
C ALA A 360 -0.40 -20.55 8.15
N PRO A 361 -0.82 -19.32 7.91
CA PRO A 361 0.08 -18.28 7.42
C PRO A 361 1.02 -17.83 8.52
N SER A 362 2.24 -17.47 8.17
CA SER A 362 3.15 -16.95 9.17
C SER A 362 2.84 -15.48 9.37
N LYS A 363 2.82 -15.04 10.62
CA LYS A 363 2.42 -13.68 10.93
C LYS A 363 3.37 -13.05 11.92
N ALA A 364 4.58 -13.59 11.97
CA ALA A 364 5.61 -13.15 12.90
C ALA A 364 6.06 -11.72 12.66
N VAL A 365 6.19 -11.36 11.40
CA VAL A 365 6.65 -10.04 11.03
C VAL A 365 5.51 -9.11 10.72
N ASN A 366 5.62 -7.88 11.18
CA ASN A 366 4.54 -6.94 10.98
C ASN A 366 4.28 -6.81 9.50
N PRO A 367 3.01 -6.93 9.14
CA PRO A 367 2.59 -7.16 7.75
C PRO A 367 3.03 -6.04 6.86
N ASP A 368 3.01 -4.83 7.39
CA ASP A 368 3.28 -3.66 6.58
C ASP A 368 4.57 -2.97 6.94
N GLU A 369 5.48 -3.69 7.56
CA GLU A 369 6.81 -3.18 7.83
C GLU A 369 7.85 -4.19 7.36
N ALA A 370 7.38 -5.34 6.90
CA ALA A 370 8.28 -6.42 6.53
C ALA A 370 9.15 -6.04 5.35
N VAL A 371 8.54 -5.41 4.34
CA VAL A 371 9.29 -5.01 3.18
C VAL A 371 10.31 -3.94 3.54
N ALA A 372 9.93 -2.96 4.33
CA ALA A 372 10.86 -1.93 4.76
C ALA A 372 12.00 -2.56 5.53
N ILE A 373 11.68 -3.54 6.33
CA ILE A 373 12.67 -4.26 7.12
C ILE A 373 13.61 -5.02 6.21
N GLY A 374 13.07 -5.70 5.22
CA GLY A 374 13.89 -6.44 4.28
C GLY A 374 14.81 -5.52 3.52
N ALA A 375 14.30 -4.39 3.09
CA ALA A 375 15.11 -3.38 2.45
C ALA A 375 16.25 -2.93 3.34
N ALA A 376 16.03 -2.95 4.65
CA ALA A 376 17.07 -2.56 5.58
C ALA A 376 18.13 -3.63 5.61
N ILE A 377 17.69 -4.87 5.71
CA ILE A 377 18.60 -6.00 5.74
C ILE A 377 19.53 -5.94 4.55
N GLN A 378 18.95 -5.75 3.37
CA GLN A 378 19.71 -5.69 2.13
C GLN A 378 20.71 -4.56 2.16
N GLY A 379 20.36 -3.45 2.81
CA GLY A 379 21.21 -2.28 2.84
C GLY A 379 22.33 -2.43 3.83
N GLY A 380 22.08 -3.17 4.88
CA GLY A 380 23.09 -3.44 5.87
C GLY A 380 24.16 -4.30 5.25
N VAL A 381 23.73 -5.18 4.37
CA VAL A 381 24.65 -6.08 3.70
C VAL A 381 25.63 -5.32 2.83
N LEU A 382 25.16 -4.25 2.24
CA LEU A 382 25.96 -3.48 1.31
C LEU A 382 26.96 -2.60 2.02
N ALA A 383 26.57 -2.05 3.16
CA ALA A 383 27.46 -1.17 3.90
C ALA A 383 28.67 -1.95 4.39
#